data_6NPE
#
_entry.id   6NPE
#
_cell.length_a   74.713
_cell.length_b   95.018
_cell.length_c   115.697
_cell.angle_alpha   90.000
_cell.angle_beta   90.000
_cell.angle_gamma   90.000
#
_symmetry.space_group_name_H-M   'P 21 21 21'
#
loop_
_entity.id
_entity.type
_entity.pdbx_description
1 polymer 'Tyrosine-protein kinase ABL1'
2 non-polymer 'SULFATE ION'
3 non-polymer 4-(4-METHYL-PIPERAZIN-1-YLMETHYL)-N-[4-METHYL-3-(4-PYRIDIN-3-YL-PYRIMIDIN-2-YLAMINO)-PHENYL]-BENZAMIDE
4 non-polymer 2-cyano-~{N}-[4-(3,4-dichlorophenyl)-1,3-thiazol-2-yl]ethanamide
5 non-polymer 'NONAETHYLENE GLYCOL'
6 water water
#
_entity_poly.entity_id   1
_entity_poly.type   'polypeptide(L)'
_entity_poly.pdbx_seq_one_letter_code
;MHHHHHHENLYFQGSPNYDKWEMERTDITMKHKLGGGQYGEVYEGVWKKYSLTVAVKTLKEDTMEVEEFLKEAAVMKEIK
HPNLVQLLGVCTREPPFYIITEFMTYGNLLDYLRECNRQEVNAVVLLYMATQISSAMEYLEKKNFIHRDLAARNCLVGEN
HLVKVADFGLSRLMTGDTYTAHAGAKFPIKWTAPESLAYNKFSIKSDVWAFGVLLWEIATYGMSPYPGIDLSQVYELLEK
DYRMERPEGCPEKVYELMRACWQWNPSDRPSFAEIHQAFETMFQESSISDEVEKELGK
;
_entity_poly.pdbx_strand_id   A,B
#
loop_
_chem_comp.id
_chem_comp.type
_chem_comp.name
_chem_comp.formula
2PE non-polymer 'NONAETHYLENE GLYCOL' 'C18 H38 O10'
KWD non-polymer 2-cyano-~{N}-[4-(3,4-dichlorophenyl)-1,3-thiazol-2-yl]ethanamide 'C12 H7 Cl2 N3 O S'
SO4 non-polymer 'SULFATE ION' 'O4 S -2'
STI non-polymer 4-(4-METHYL-PIPERAZIN-1-YLMETHYL)-N-[4-METHYL-3-(4-PYRIDIN-3-YL-PYRIMIDIN-2-YLAMINO)-PHENYL]-BENZAMIDE 'C29 H31 N7 O'
#
# COMPACT_ATOMS: atom_id res chain seq x y z
N TYR A 18 -13.23 27.66 12.01
CA TYR A 18 -12.43 26.44 11.87
C TYR A 18 -13.10 25.28 12.59
N ASP A 19 -13.39 24.18 11.86
CA ASP A 19 -14.09 23.04 12.43
C ASP A 19 -13.13 21.88 12.71
N LYS A 20 -13.69 20.72 13.06
CA LYS A 20 -12.89 19.57 13.47
C LYS A 20 -12.01 19.02 12.35
N TRP A 21 -12.27 19.39 11.10
CA TRP A 21 -11.42 18.90 10.01
C TRP A 21 -10.17 19.73 9.81
N GLU A 22 -10.08 20.91 10.44
CA GLU A 22 -8.94 21.78 10.24
C GLU A 22 -7.67 21.13 10.77
N MET A 23 -6.61 21.14 9.96
CA MET A 23 -5.34 20.65 10.48
C MET A 23 -4.23 21.66 10.24
N GLU A 24 -3.22 21.60 11.11
CA GLU A 24 -2.13 22.54 11.03
C GLU A 24 -1.32 22.26 9.78
N ARG A 25 -0.97 23.33 9.06
CA ARG A 25 -0.25 23.13 7.81
C ARG A 25 1.07 22.43 8.04
N THR A 26 1.70 22.65 9.18
CA THR A 26 2.99 22.02 9.43
C THR A 26 2.86 20.51 9.70
N ASP A 27 1.63 19.97 9.80
CA ASP A 27 1.47 18.52 9.91
C ASP A 27 1.76 17.79 8.59
N ILE A 28 1.86 18.51 7.48
CA ILE A 28 1.97 17.93 6.13
C ILE A 28 3.28 18.38 5.50
N THR A 29 4.05 17.43 5.00
CA THR A 29 5.20 17.74 4.13
C THR A 29 4.73 17.74 2.68
N MET A 30 4.79 18.89 2.00
CA MET A 30 4.43 18.93 0.59
C MET A 30 5.64 18.51 -0.26
N LYS A 31 5.45 17.52 -1.14
CA LYS A 31 6.59 16.95 -1.85
C LYS A 31 6.74 17.45 -3.28
N HIS A 32 5.74 17.25 -4.12
CA HIS A 32 5.81 17.59 -5.54
C HIS A 32 4.41 17.45 -6.12
N LYS A 33 4.17 18.13 -7.24
CA LYS A 33 2.90 17.97 -7.93
C LYS A 33 2.63 16.49 -8.25
N LEU A 34 1.40 16.05 -8.02
CA LEU A 34 1.07 14.64 -8.17
C LEU A 34 0.90 14.33 -9.65
N GLY A 35 1.78 13.49 -10.19
CA GLY A 35 1.69 13.14 -11.60
C GLY A 35 2.06 14.25 -12.55
N GLY A 36 2.97 15.14 -12.16
CA GLY A 36 3.48 16.17 -13.05
C GLY A 36 2.44 17.07 -13.66
N GLY A 37 1.37 17.38 -12.94
CA GLY A 37 0.29 18.22 -13.45
C GLY A 37 -0.88 17.46 -14.03
N GLN A 38 -0.82 16.14 -14.07
CA GLN A 38 -1.92 15.34 -14.60
C GLN A 38 -3.26 15.66 -13.93
N TYR A 39 -3.24 15.99 -12.64
CA TYR A 39 -4.46 16.22 -11.88
C TYR A 39 -4.65 17.69 -11.53
N GLY A 40 -3.86 18.58 -12.11
CA GLY A 40 -3.96 19.99 -11.80
C GLY A 40 -3.13 20.33 -10.58
N GLU A 41 -3.66 21.22 -9.74
CA GLU A 41 -2.95 21.68 -8.54
C GLU A 41 -3.17 20.68 -7.39
N VAL A 42 -2.67 19.47 -7.59
CA VAL A 42 -2.71 18.42 -6.58
C VAL A 42 -1.28 17.94 -6.35
N TYR A 43 -0.90 17.86 -5.08
CA TYR A 43 0.45 17.53 -4.69
C TYR A 43 0.45 16.25 -3.89
N GLU A 44 1.51 15.47 -4.06
CA GLU A 44 1.79 14.37 -3.16
C GLU A 44 2.42 14.94 -1.89
N GLY A 45 1.94 14.48 -0.73
CA GLY A 45 2.42 14.96 0.55
C GLY A 45 2.60 13.81 1.53
N VAL A 46 3.05 14.16 2.73
CA VAL A 46 3.19 13.21 3.83
C VAL A 46 2.47 13.74 5.06
N TRP A 47 1.59 12.93 5.64
CA TRP A 47 1.03 13.21 6.94
C TRP A 47 2.03 12.68 7.96
N LYS A 48 2.84 13.57 8.51
CA LYS A 48 4.09 13.16 9.15
C LYS A 48 3.86 12.23 10.34
N LYS A 49 2.90 12.58 11.21
CA LYS A 49 2.76 11.87 12.48
C LYS A 49 2.32 10.42 12.30
N TYR A 50 1.71 10.07 11.16
CA TYR A 50 1.31 8.70 10.87
C TYR A 50 2.12 8.05 9.76
N SER A 51 3.13 8.73 9.23
CA SER A 51 3.95 8.20 8.14
C SER A 51 3.10 7.76 6.96
N LEU A 52 2.09 8.55 6.60
CA LEU A 52 1.18 8.23 5.51
C LEU A 52 1.35 9.19 4.35
N THR A 53 1.45 8.65 3.14
CA THR A 53 1.36 9.47 1.94
C THR A 53 -0.07 9.95 1.76
N VAL A 54 -0.22 11.22 1.40
CA VAL A 54 -1.52 11.84 1.20
C VAL A 54 -1.50 12.59 -0.13
N ALA A 55 -2.70 12.94 -0.61
CA ALA A 55 -2.86 13.82 -1.76
C ALA A 55 -3.45 15.14 -1.26
N VAL A 56 -2.92 16.24 -1.78
CA VAL A 56 -3.29 17.57 -1.30
C VAL A 56 -3.70 18.41 -2.51
N LYS A 57 -4.98 18.77 -2.58
CA LYS A 57 -5.46 19.68 -3.62
C LYS A 57 -5.39 21.11 -3.09
N THR A 58 -4.80 21.99 -3.89
CA THR A 58 -4.57 23.36 -3.46
C THR A 58 -5.31 24.34 -4.36
N LEU A 59 -5.68 25.47 -3.80
CA LEU A 59 -6.32 26.54 -4.56
C LEU A 59 -5.25 27.47 -5.11
N LYS A 60 -5.00 27.37 -6.42
CA LYS A 60 -4.06 28.20 -7.18
C LYS A 60 -3.88 29.62 -6.65
N VAL A 66 -13.13 29.93 -5.63
CA VAL A 66 -12.89 29.76 -4.20
C VAL A 66 -14.12 29.20 -3.49
N GLU A 67 -15.31 29.58 -3.99
CA GLU A 67 -16.53 29.05 -3.39
C GLU A 67 -16.69 27.58 -3.70
N GLU A 68 -16.41 27.18 -4.94
CA GLU A 68 -16.50 25.78 -5.33
C GLU A 68 -15.52 24.93 -4.53
N PHE A 69 -14.32 25.46 -4.27
CA PHE A 69 -13.34 24.74 -3.48
C PHE A 69 -13.91 24.35 -2.12
N LEU A 70 -14.37 25.34 -1.35
CA LEU A 70 -14.96 25.06 -0.05
C LEU A 70 -16.23 24.23 -0.18
N LYS A 71 -16.98 24.38 -1.27
CA LYS A 71 -18.14 23.52 -1.49
C LYS A 71 -17.72 22.06 -1.62
N GLU A 72 -16.67 21.78 -2.40
CA GLU A 72 -16.17 20.41 -2.50
C GLU A 72 -15.77 19.87 -1.13
N ALA A 73 -15.09 20.69 -0.33
CA ALA A 73 -14.67 20.25 1.00
C ALA A 73 -15.89 19.89 1.85
N ALA A 74 -16.92 20.76 1.83
CA ALA A 74 -18.11 20.50 2.63
C ALA A 74 -18.82 19.21 2.19
N VAL A 75 -18.85 18.95 0.88
CA VAL A 75 -19.41 17.69 0.41
C VAL A 75 -18.67 16.50 1.00
N MET A 76 -17.32 16.56 0.94
CA MET A 76 -16.53 15.39 1.33
C MET A 76 -16.61 15.09 2.83
N LYS A 77 -16.89 16.10 3.67
CA LYS A 77 -17.08 15.84 5.09
C LYS A 77 -18.29 14.94 5.37
N GLU A 78 -19.22 14.84 4.42
CA GLU A 78 -20.42 14.03 4.58
C GLU A 78 -20.26 12.62 4.02
N ILE A 79 -19.13 12.30 3.39
CA ILE A 79 -18.94 11.04 2.69
C ILE A 79 -17.88 10.23 3.42
N LYS A 80 -18.29 9.09 3.97
CA LYS A 80 -17.39 8.20 4.68
C LYS A 80 -17.76 6.77 4.31
N HIS A 81 -16.95 6.15 3.47
CA HIS A 81 -17.24 4.80 3.02
C HIS A 81 -15.92 4.16 2.61
N PRO A 82 -15.69 2.89 2.89
CA PRO A 82 -14.38 2.29 2.55
C PRO A 82 -14.03 2.41 1.08
N ASN A 83 -15.04 2.46 0.20
CA ASN A 83 -14.78 2.48 -1.23
C ASN A 83 -15.02 3.85 -1.85
N LEU A 84 -15.02 4.93 -1.05
CA LEU A 84 -14.94 6.29 -1.53
C LEU A 84 -13.69 6.97 -0.98
N VAL A 85 -13.09 7.86 -1.77
CA VAL A 85 -11.92 8.60 -1.32
C VAL A 85 -12.26 9.33 -0.02
N GLN A 86 -11.35 9.25 0.95
CA GLN A 86 -11.61 9.72 2.31
C GLN A 86 -10.91 11.05 2.56
N LEU A 87 -11.69 12.07 2.90
CA LEU A 87 -11.13 13.32 3.40
C LEU A 87 -10.38 13.11 4.71
N LEU A 88 -9.18 13.68 4.82
CA LEU A 88 -8.39 13.57 6.05
C LEU A 88 -8.30 14.89 6.80
N GLY A 89 -8.33 16.02 6.10
CA GLY A 89 -8.23 17.31 6.75
C GLY A 89 -8.28 18.41 5.70
N VAL A 90 -8.41 19.64 6.19
CA VAL A 90 -8.35 20.83 5.35
C VAL A 90 -7.50 21.88 6.07
N CYS A 91 -6.90 22.79 5.29
CA CYS A 91 -6.21 23.97 5.81
C CYS A 91 -6.89 25.20 5.21
N THR A 92 -7.65 25.93 6.02
CA THR A 92 -8.39 27.08 5.52
C THR A 92 -8.04 28.39 6.23
N ARG A 93 -6.96 28.43 7.02
CA ARG A 93 -6.67 29.62 7.81
C ARG A 93 -6.03 30.73 6.99
N GLU A 94 -5.13 30.39 6.07
CA GLU A 94 -4.56 31.38 5.18
C GLU A 94 -4.27 30.72 3.84
N PRO A 95 -4.15 31.51 2.77
CA PRO A 95 -3.88 30.91 1.46
C PRO A 95 -2.47 30.32 1.42
N PRO A 96 -2.26 29.26 0.62
CA PRO A 96 -3.26 28.57 -0.19
C PRO A 96 -4.06 27.57 0.62
N PHE A 97 -5.36 27.44 0.31
CA PHE A 97 -6.20 26.48 1.01
C PHE A 97 -5.89 25.07 0.53
N TYR A 98 -6.03 24.11 1.45
CA TYR A 98 -5.72 22.70 1.20
C TYR A 98 -6.95 21.85 1.43
N ILE A 99 -7.16 20.87 0.56
CA ILE A 99 -8.02 19.72 0.82
C ILE A 99 -7.12 18.48 0.81
N ILE A 100 -7.08 17.75 1.92
CA ILE A 100 -6.16 16.62 2.06
C ILE A 100 -6.96 15.32 2.07
N THR A 101 -6.58 14.37 1.21
CA THR A 101 -7.17 13.05 1.22
C THR A 101 -6.09 11.98 1.32
N GLU A 102 -6.55 10.75 1.52
CA GLU A 102 -5.67 9.60 1.37
C GLU A 102 -5.09 9.56 -0.04
N PHE A 103 -3.95 8.89 -0.15
CA PHE A 103 -3.25 8.60 -1.40
C PHE A 103 -3.42 7.10 -1.68
N MET A 104 -3.64 6.73 -2.94
CA MET A 104 -3.86 5.34 -3.30
C MET A 104 -2.69 4.84 -4.15
N THR A 105 -1.98 3.84 -3.62
CA THR A 105 -0.69 3.35 -4.12
C THR A 105 -0.61 3.16 -5.63
N TYR A 106 -1.65 2.57 -6.23
CA TYR A 106 -1.56 2.17 -7.63
C TYR A 106 -2.18 3.18 -8.59
N GLY A 107 -2.70 4.31 -8.10
CA GLY A 107 -3.18 5.31 -9.02
C GLY A 107 -4.51 4.95 -9.67
N ASN A 108 -4.81 5.63 -10.78
CA ASN A 108 -6.18 5.53 -11.29
C ASN A 108 -6.45 4.18 -11.96
N LEU A 109 -7.72 3.77 -11.93
CA LEU A 109 -8.11 2.44 -12.34
C LEU A 109 -7.93 2.21 -13.85
N LEU A 110 -8.19 3.23 -14.67
CA LEU A 110 -8.05 3.05 -16.12
C LEU A 110 -6.62 2.68 -16.50
N ASP A 111 -5.63 3.46 -16.06
CA ASP A 111 -4.24 3.12 -16.37
C ASP A 111 -3.83 1.82 -15.70
N TYR A 112 -4.37 1.54 -14.52
CA TYR A 112 -4.05 0.30 -13.84
C TYR A 112 -4.51 -0.90 -14.68
N LEU A 113 -5.77 -0.91 -15.11
CA LEU A 113 -6.26 -1.99 -15.96
C LEU A 113 -5.41 -2.15 -17.22
N ARG A 114 -5.05 -1.04 -17.86
CA ARG A 114 -4.28 -1.12 -19.11
C ARG A 114 -2.87 -1.68 -18.93
N GLU A 115 -2.30 -1.57 -17.73
CA GLU A 115 -0.91 -1.96 -17.51
C GLU A 115 -0.75 -3.20 -16.64
N CYS A 116 -1.83 -3.77 -16.12
CA CYS A 116 -1.68 -4.79 -15.09
C CYS A 116 -1.35 -6.15 -15.69
N ASN A 117 -0.78 -7.01 -14.86
CA ASN A 117 -0.59 -8.43 -15.18
C ASN A 117 -1.95 -9.13 -15.11
N ARG A 118 -2.45 -9.60 -16.24
CA ARG A 118 -3.83 -10.10 -16.31
C ARG A 118 -3.98 -11.50 -15.73
N GLN A 119 -2.88 -12.25 -15.56
CA GLN A 119 -2.94 -13.47 -14.77
C GLN A 119 -3.08 -13.16 -13.29
N GLU A 120 -2.49 -12.04 -12.85
CA GLU A 120 -2.66 -11.59 -11.48
C GLU A 120 -4.04 -10.95 -11.29
N VAL A 121 -4.37 -9.96 -12.10
CA VAL A 121 -5.67 -9.29 -12.01
C VAL A 121 -6.62 -10.09 -12.89
N ASN A 122 -7.13 -11.18 -12.34
CA ASN A 122 -7.91 -12.12 -13.12
C ASN A 122 -9.41 -11.90 -12.88
N ALA A 123 -10.23 -12.84 -13.36
CA ALA A 123 -11.68 -12.63 -13.38
C ALA A 123 -12.24 -12.39 -11.99
N VAL A 124 -11.73 -13.09 -10.98
CA VAL A 124 -12.26 -12.89 -9.63
C VAL A 124 -11.86 -11.52 -9.08
N VAL A 125 -10.68 -11.02 -9.45
CA VAL A 125 -10.27 -9.67 -9.05
C VAL A 125 -11.15 -8.63 -9.74
N LEU A 126 -11.41 -8.81 -11.03
CA LEU A 126 -12.30 -7.89 -11.75
C LEU A 126 -13.67 -7.84 -11.09
N LEU A 127 -14.24 -9.01 -10.79
CA LEU A 127 -15.49 -9.06 -10.04
C LEU A 127 -15.39 -8.32 -8.72
N TYR A 128 -14.29 -8.52 -7.99
CA TYR A 128 -14.10 -7.84 -6.71
C TYR A 128 -14.04 -6.33 -6.90
N MET A 129 -13.41 -5.85 -7.98
CA MET A 129 -13.36 -4.42 -8.19
C MET A 129 -14.73 -3.85 -8.52
N ALA A 130 -15.50 -4.53 -9.37
CA ALA A 130 -16.85 -4.07 -9.69
C ALA A 130 -17.73 -4.02 -8.44
N THR A 131 -17.61 -5.02 -7.58
CA THR A 131 -18.42 -5.07 -6.37
C THR A 131 -18.14 -3.90 -5.45
N GLN A 132 -16.85 -3.54 -5.28
CA GLN A 132 -16.54 -2.39 -4.44
C GLN A 132 -17.07 -1.10 -5.02
N ILE A 133 -16.99 -0.95 -6.35
CA ILE A 133 -17.51 0.29 -6.93
C ILE A 133 -19.02 0.36 -6.73
N SER A 134 -19.72 -0.76 -6.86
CA SER A 134 -21.16 -0.71 -6.66
C SER A 134 -21.51 -0.45 -5.20
N SER A 135 -20.66 -0.90 -4.27
CA SER A 135 -20.85 -0.58 -2.86
C SER A 135 -20.75 0.94 -2.62
N ALA A 136 -19.72 1.59 -3.19
CA ALA A 136 -19.59 3.04 -3.08
C ALA A 136 -20.79 3.76 -3.67
N MET A 137 -21.29 3.30 -4.81
CA MET A 137 -22.42 3.96 -5.44
C MET A 137 -23.71 3.70 -4.68
N GLU A 138 -23.86 2.52 -4.09
CA GLU A 138 -25.00 2.27 -3.19
C GLU A 138 -25.00 3.26 -2.03
N TYR A 139 -23.81 3.58 -1.50
CA TYR A 139 -23.73 4.56 -0.42
C TYR A 139 -24.15 5.95 -0.90
N LEU A 140 -23.61 6.40 -2.03
CA LEU A 140 -24.00 7.71 -2.53
C LEU A 140 -25.50 7.76 -2.81
N GLU A 141 -26.03 6.68 -3.37
CA GLU A 141 -27.47 6.53 -3.58
C GLU A 141 -28.22 6.73 -2.27
N LYS A 142 -27.77 6.03 -1.21
CA LYS A 142 -28.47 6.09 0.07
C LYS A 142 -28.50 7.49 0.63
N LYS A 143 -27.41 8.24 0.44
CA LYS A 143 -27.26 9.59 0.99
C LYS A 143 -27.70 10.68 0.02
N ASN A 144 -28.34 10.31 -1.09
CA ASN A 144 -28.94 11.26 -2.02
C ASN A 144 -27.92 12.09 -2.79
N PHE A 145 -26.73 11.53 -3.02
CA PHE A 145 -25.73 12.18 -3.85
C PHE A 145 -25.83 11.67 -5.28
N ILE A 146 -25.34 12.48 -6.21
CA ILE A 146 -25.13 12.10 -7.60
C ILE A 146 -23.65 12.28 -7.91
N HIS A 147 -23.06 11.28 -8.57
CA HIS A 147 -21.65 11.44 -8.95
C HIS A 147 -21.49 12.38 -10.13
N ARG A 148 -22.16 12.08 -11.25
CA ARG A 148 -22.21 12.77 -12.53
C ARG A 148 -21.00 12.52 -13.44
N ASP A 149 -19.92 11.89 -12.98
CA ASP A 149 -18.81 11.57 -13.88
C ASP A 149 -18.19 10.22 -13.55
N LEU A 150 -19.01 9.21 -13.32
CA LEU A 150 -18.49 7.90 -12.98
C LEU A 150 -17.81 7.26 -14.19
N ALA A 151 -16.59 6.76 -13.98
CA ALA A 151 -15.77 6.17 -15.04
C ALA A 151 -14.49 5.64 -14.39
N ALA A 152 -13.79 4.75 -15.12
CA ALA A 152 -12.56 4.17 -14.57
C ALA A 152 -11.51 5.22 -14.28
N ARG A 153 -11.44 6.28 -15.10
CA ARG A 153 -10.47 7.35 -14.88
C ARG A 153 -10.69 8.09 -13.57
N ASN A 154 -11.88 7.97 -12.97
CA ASN A 154 -12.19 8.61 -11.69
C ASN A 154 -12.17 7.63 -10.52
N CYS A 155 -11.59 6.45 -10.70
CA CYS A 155 -11.44 5.48 -9.63
C CYS A 155 -9.95 5.30 -9.33
N LEU A 156 -9.67 4.86 -8.11
CA LEU A 156 -8.30 4.63 -7.65
C LEU A 156 -8.11 3.20 -7.16
N VAL A 157 -6.88 2.70 -7.26
CA VAL A 157 -6.54 1.32 -6.87
C VAL A 157 -5.48 1.37 -5.76
N GLY A 158 -5.70 0.61 -4.69
CA GLY A 158 -4.73 0.45 -3.63
C GLY A 158 -4.26 -1.00 -3.54
N GLU A 159 -3.43 -1.25 -2.52
CA GLU A 159 -2.89 -2.59 -2.30
C GLU A 159 -4.01 -3.58 -1.96
N ASN A 160 -3.80 -4.85 -2.30
CA ASN A 160 -4.76 -5.91 -1.99
C ASN A 160 -6.10 -5.66 -2.72
N HIS A 161 -6.01 -5.07 -3.92
CA HIS A 161 -7.13 -4.88 -4.85
C HIS A 161 -8.19 -3.93 -4.30
N LEU A 162 -7.80 -3.01 -3.42
CA LEU A 162 -8.72 -1.99 -2.95
C LEU A 162 -9.09 -1.04 -4.09
N VAL A 163 -10.38 -0.70 -4.21
CA VAL A 163 -10.81 0.31 -5.17
C VAL A 163 -11.63 1.37 -4.45
N LYS A 164 -11.36 2.63 -4.76
CA LYS A 164 -12.15 3.73 -4.24
C LYS A 164 -12.61 4.60 -5.39
N VAL A 165 -13.86 5.06 -5.30
CA VAL A 165 -14.44 5.97 -6.27
C VAL A 165 -14.04 7.40 -5.87
N ALA A 166 -13.62 8.19 -6.85
CA ALA A 166 -13.27 9.59 -6.57
C ALA A 166 -13.92 10.50 -7.60
N ASP A 167 -13.57 11.78 -7.59
CA ASP A 167 -14.03 12.71 -8.63
C ASP A 167 -12.96 13.78 -8.78
N PHE A 168 -12.14 13.65 -9.80
CA PHE A 168 -10.96 14.49 -9.97
C PHE A 168 -11.26 15.80 -10.70
N GLY A 169 -12.50 16.03 -11.13
CA GLY A 169 -12.80 17.22 -11.91
C GLY A 169 -12.03 17.23 -13.22
N LEU A 170 -12.11 16.13 -13.96
CA LEU A 170 -11.24 15.87 -15.10
C LEU A 170 -11.67 16.57 -16.38
N SER A 171 -12.92 17.00 -16.50
CA SER A 171 -13.35 17.63 -17.74
C SER A 171 -12.54 18.88 -18.02
N ARG A 172 -12.13 19.59 -16.97
CA ARG A 172 -11.22 20.70 -17.14
C ARG A 172 -9.82 20.21 -17.51
N LEU A 173 -9.31 19.16 -16.84
CA LEU A 173 -7.88 18.85 -16.90
C LEU A 173 -7.48 18.06 -18.14
N MET A 174 -8.28 17.09 -18.56
CA MET A 174 -7.83 16.14 -19.55
C MET A 174 -7.99 16.67 -20.97
N THR A 175 -6.98 16.41 -21.78
CA THR A 175 -6.97 16.74 -23.19
C THR A 175 -7.34 15.51 -24.02
N GLY A 176 -7.84 15.77 -25.22
CA GLY A 176 -8.25 14.71 -26.12
C GLY A 176 -9.77 14.63 -26.21
N ASP A 177 -10.23 13.52 -26.78
CA ASP A 177 -11.63 13.34 -27.13
C ASP A 177 -12.48 12.77 -26.01
N THR A 178 -11.90 12.46 -24.84
CA THR A 178 -12.71 11.91 -23.75
C THR A 178 -13.85 12.83 -23.39
N TYR A 179 -13.56 14.11 -23.20
CA TYR A 179 -14.56 15.15 -23.01
C TYR A 179 -14.61 16.00 -24.27
N THR A 180 -15.82 16.32 -24.71
CA THR A 180 -16.02 17.12 -25.90
C THR A 180 -17.15 18.09 -25.60
N ALA A 181 -17.14 19.24 -26.30
CA ALA A 181 -18.18 20.24 -26.12
C ALA A 181 -19.54 19.68 -26.47
N HIS A 182 -20.54 19.97 -25.62
CA HIS A 182 -21.91 19.56 -25.85
C HIS A 182 -22.83 20.31 -24.90
N ALA A 183 -23.92 20.89 -25.43
CA ALA A 183 -24.84 21.70 -24.62
C ALA A 183 -24.09 22.82 -23.90
N GLY A 184 -23.10 23.39 -24.57
CA GLY A 184 -22.30 24.47 -23.98
C GLY A 184 -21.51 24.07 -22.76
N ALA A 185 -21.08 22.81 -22.68
CA ALA A 185 -20.31 22.31 -21.55
C ALA A 185 -19.34 21.27 -22.08
N LYS A 186 -18.76 20.48 -21.18
CA LYS A 186 -17.84 19.41 -21.57
C LYS A 186 -18.42 18.09 -21.05
N PHE A 187 -18.66 17.16 -21.97
CA PHE A 187 -19.27 15.87 -21.63
C PHE A 187 -18.39 14.71 -22.07
N PRO A 188 -18.30 13.65 -21.25
CA PRO A 188 -17.74 12.36 -21.70
C PRO A 188 -18.88 11.61 -22.39
N ILE A 189 -19.06 11.92 -23.69
CA ILE A 189 -20.24 11.47 -24.43
C ILE A 189 -20.46 9.98 -24.24
N LYS A 190 -19.40 9.19 -24.33
CA LYS A 190 -19.56 7.74 -24.38
C LYS A 190 -19.88 7.13 -23.02
N TRP A 191 -19.84 7.92 -21.94
CA TRP A 191 -20.27 7.49 -20.62
C TRP A 191 -21.62 8.10 -20.22
N THR A 192 -22.22 8.96 -21.05
CA THR A 192 -23.31 9.82 -20.62
C THR A 192 -24.67 9.22 -20.98
N ALA A 193 -25.56 9.15 -19.99
CA ALA A 193 -26.88 8.57 -20.20
C ALA A 193 -27.67 9.39 -21.22
N PRO A 194 -28.60 8.75 -21.93
CA PRO A 194 -29.36 9.48 -22.97
C PRO A 194 -30.05 10.75 -22.49
N GLU A 195 -30.76 10.68 -21.36
CA GLU A 195 -31.49 11.83 -20.84
C GLU A 195 -30.56 12.98 -20.46
N SER A 196 -29.32 12.66 -20.07
CA SER A 196 -28.35 13.71 -19.77
C SER A 196 -27.88 14.38 -21.05
N LEU A 197 -27.65 13.59 -22.10
CA LEU A 197 -27.22 14.17 -23.36
C LEU A 197 -28.31 15.06 -23.95
N ALA A 198 -29.58 14.67 -23.79
CA ALA A 198 -30.69 15.28 -24.52
C ALA A 198 -31.35 16.41 -23.74
N TYR A 199 -31.63 16.20 -22.45
CA TYR A 199 -32.34 17.18 -21.64
C TYR A 199 -31.48 17.69 -20.48
N ASN A 200 -30.18 17.42 -20.50
CA ASN A 200 -29.27 17.84 -19.45
C ASN A 200 -29.76 17.43 -18.07
N LYS A 201 -30.38 16.25 -17.99
CA LYS A 201 -30.92 15.72 -16.74
C LYS A 201 -29.96 14.69 -16.17
N PHE A 202 -29.56 14.88 -14.92
CA PHE A 202 -28.65 13.98 -14.22
C PHE A 202 -29.31 13.47 -12.95
N SER A 203 -29.07 12.21 -12.61
CA SER A 203 -29.68 11.59 -11.45
C SER A 203 -28.87 10.36 -11.08
N ILE A 204 -29.25 9.74 -9.97
CA ILE A 204 -28.58 8.50 -9.60
C ILE A 204 -28.71 7.47 -10.71
N LYS A 205 -29.83 7.53 -11.46
CA LYS A 205 -30.04 6.60 -12.57
C LYS A 205 -29.14 6.90 -13.76
N SER A 206 -28.76 8.16 -13.98
CA SER A 206 -27.73 8.38 -14.99
C SER A 206 -26.35 7.89 -14.52
N ASP A 207 -26.09 7.86 -13.21
CA ASP A 207 -24.88 7.21 -12.71
C ASP A 207 -24.91 5.71 -12.98
N VAL A 208 -26.09 5.07 -12.86
CA VAL A 208 -26.21 3.64 -13.13
C VAL A 208 -25.81 3.34 -14.58
N TRP A 209 -26.25 4.20 -15.51
CA TRP A 209 -25.85 4.04 -16.90
C TRP A 209 -24.34 4.08 -17.05
N ALA A 210 -23.70 5.11 -16.49
CA ALA A 210 -22.24 5.22 -16.52
C ALA A 210 -21.58 4.01 -15.86
N PHE A 211 -22.16 3.51 -14.78
CA PHE A 211 -21.61 2.32 -14.14
C PHE A 211 -21.58 1.15 -15.11
N GLY A 212 -22.63 0.97 -15.90
CA GLY A 212 -22.63 -0.07 -16.92
C GLY A 212 -21.46 0.08 -17.88
N VAL A 213 -21.17 1.32 -18.29
CA VAL A 213 -20.01 1.56 -19.14
C VAL A 213 -18.72 1.25 -18.39
N LEU A 214 -18.64 1.67 -17.13
CA LEU A 214 -17.48 1.33 -16.29
C LEU A 214 -17.29 -0.19 -16.20
N LEU A 215 -18.37 -0.95 -16.06
CA LEU A 215 -18.28 -2.42 -16.11
C LEU A 215 -17.61 -2.90 -17.38
N TRP A 216 -17.95 -2.28 -18.50
CA TRP A 216 -17.37 -2.68 -19.78
C TRP A 216 -15.89 -2.31 -19.84
N GLU A 217 -15.54 -1.12 -19.29
CA GLU A 217 -14.12 -0.77 -19.14
C GLU A 217 -13.37 -1.84 -18.37
N ILE A 218 -13.95 -2.29 -17.26
CA ILE A 218 -13.29 -3.29 -16.44
C ILE A 218 -13.13 -4.60 -17.22
N ALA A 219 -14.21 -5.05 -17.89
CA ALA A 219 -14.20 -6.34 -18.56
C ALA A 219 -13.22 -6.39 -19.73
N THR A 220 -12.91 -5.24 -20.33
CA THR A 220 -11.97 -5.16 -21.43
C THR A 220 -10.58 -4.69 -20.99
N TYR A 221 -10.32 -4.65 -19.68
CA TYR A 221 -9.03 -4.13 -19.18
C TYR A 221 -8.72 -2.74 -19.72
N GLY A 222 -9.74 -1.90 -19.78
CA GLY A 222 -9.54 -0.49 -20.07
C GLY A 222 -9.57 -0.06 -21.52
N MET A 223 -10.28 -0.79 -22.40
CA MET A 223 -10.48 -0.30 -23.75
C MET A 223 -11.42 0.91 -23.74
N SER A 224 -11.27 1.77 -24.75
N SER A 224 -11.27 1.77 -24.76
CA SER A 224 -12.19 2.88 -24.90
CA SER A 224 -12.19 2.89 -24.89
C SER A 224 -13.55 2.37 -25.39
C SER A 224 -13.55 2.39 -25.40
N PRO A 225 -14.65 2.87 -24.84
CA PRO A 225 -15.98 2.31 -25.20
C PRO A 225 -16.37 2.64 -26.64
N TYR A 226 -17.37 1.88 -27.15
CA TYR A 226 -17.81 1.98 -28.55
C TYR A 226 -16.58 2.09 -29.47
N PRO A 227 -15.63 1.17 -29.37
CA PRO A 227 -14.37 1.33 -30.09
C PRO A 227 -14.61 1.45 -31.59
N GLY A 228 -14.02 2.48 -32.22
CA GLY A 228 -14.09 2.66 -33.65
C GLY A 228 -15.39 3.28 -34.17
N ILE A 229 -16.27 3.71 -33.27
CA ILE A 229 -17.53 4.39 -33.61
C ILE A 229 -17.37 5.87 -33.33
N ASP A 230 -17.59 6.72 -34.33
CA ASP A 230 -17.44 8.16 -34.13
C ASP A 230 -18.45 8.67 -33.12
N LEU A 231 -18.03 9.64 -32.30
CA LEU A 231 -18.92 10.29 -31.33
C LEU A 231 -20.20 10.81 -31.98
N SER A 232 -20.12 11.27 -33.24
CA SER A 232 -21.29 11.80 -33.93
C SER A 232 -22.39 10.75 -34.07
N GLN A 233 -22.06 9.46 -34.04
CA GLN A 233 -23.06 8.41 -34.19
C GLN A 233 -23.66 7.95 -32.87
N VAL A 234 -23.08 8.31 -31.70
CA VAL A 234 -23.38 7.57 -30.48
C VAL A 234 -24.84 7.75 -30.06
N TYR A 235 -25.32 8.98 -29.97
CA TYR A 235 -26.69 9.18 -29.48
C TYR A 235 -27.71 8.51 -30.40
N GLU A 236 -27.54 8.66 -31.72
CA GLU A 236 -28.49 8.05 -32.65
C GLU A 236 -28.52 6.54 -32.50
N LEU A 237 -27.33 5.92 -32.41
CA LEU A 237 -27.27 4.47 -32.25
C LEU A 237 -27.98 4.02 -30.99
N LEU A 238 -27.73 4.70 -29.85
CA LEU A 238 -28.38 4.36 -28.60
C LEU A 238 -29.90 4.50 -28.68
N GLU A 239 -30.36 5.60 -29.26
CA GLU A 239 -31.80 5.80 -29.35
C GLU A 239 -32.45 4.77 -30.25
N LYS A 240 -31.70 4.20 -31.19
CA LYS A 240 -32.21 3.08 -31.99
C LYS A 240 -31.80 1.73 -31.44
N ASP A 241 -31.57 1.66 -30.11
CA ASP A 241 -31.43 0.44 -29.30
C ASP A 241 -30.10 -0.28 -29.52
N TYR A 242 -29.12 0.35 -30.16
CA TYR A 242 -27.79 -0.25 -30.22
C TYR A 242 -27.18 -0.25 -28.82
N ARG A 243 -26.58 -1.38 -28.43
CA ARG A 243 -25.79 -1.46 -27.18
C ARG A 243 -24.50 -2.20 -27.42
N MET A 244 -23.46 -1.88 -26.65
CA MET A 244 -22.19 -2.59 -26.78
C MET A 244 -22.39 -4.08 -26.59
N GLU A 245 -21.71 -4.87 -27.40
CA GLU A 245 -21.72 -6.33 -27.36
C GLU A 245 -20.96 -6.83 -26.12
N ARG A 246 -21.30 -8.03 -25.69
CA ARG A 246 -20.61 -8.66 -24.56
C ARG A 246 -19.13 -8.80 -24.87
N PRO A 247 -18.25 -8.24 -24.04
CA PRO A 247 -16.80 -8.37 -24.30
C PRO A 247 -16.29 -9.80 -24.16
N GLU A 248 -15.22 -10.10 -24.88
CA GLU A 248 -14.63 -11.44 -24.80
C GLU A 248 -14.32 -11.80 -23.35
N GLY A 249 -14.72 -13.01 -22.95
CA GLY A 249 -14.45 -13.49 -21.62
C GLY A 249 -15.36 -12.97 -20.54
N CYS A 250 -16.23 -12.01 -20.84
CA CYS A 250 -17.12 -11.46 -19.82
C CYS A 250 -18.20 -12.48 -19.47
N PRO A 251 -18.43 -12.77 -18.20
CA PRO A 251 -19.49 -13.70 -17.83
C PRO A 251 -20.84 -13.18 -18.29
N GLU A 252 -21.72 -14.11 -18.68
CA GLU A 252 -23.02 -13.71 -19.21
C GLU A 252 -23.83 -12.95 -18.17
N LYS A 253 -23.78 -13.39 -16.91
CA LYS A 253 -24.53 -12.71 -15.85
C LYS A 253 -24.02 -11.30 -15.64
N VAL A 254 -22.72 -11.07 -15.85
CA VAL A 254 -22.23 -9.70 -15.71
C VAL A 254 -22.74 -8.85 -16.86
N TYR A 255 -22.77 -9.44 -18.07
CA TYR A 255 -23.29 -8.71 -19.23
C TYR A 255 -24.78 -8.40 -19.07
N GLU A 256 -25.55 -9.32 -18.47
CA GLU A 256 -26.96 -9.03 -18.18
C GLU A 256 -27.09 -7.78 -17.33
N LEU A 257 -26.18 -7.62 -16.36
CA LEU A 257 -26.18 -6.44 -15.51
C LEU A 257 -25.87 -5.19 -16.30
N MET A 258 -24.84 -5.22 -17.16
CA MET A 258 -24.55 -4.09 -18.05
C MET A 258 -25.79 -3.65 -18.81
N ARG A 259 -26.49 -4.62 -19.42
CA ARG A 259 -27.65 -4.30 -20.25
C ARG A 259 -28.78 -3.70 -19.43
N ALA A 260 -28.97 -4.17 -18.20
CA ALA A 260 -29.96 -3.55 -17.32
C ALA A 260 -29.58 -2.12 -16.99
N CYS A 261 -28.27 -1.83 -16.80
CA CYS A 261 -27.83 -0.46 -16.58
C CYS A 261 -28.11 0.43 -17.78
N TRP A 262 -28.16 -0.15 -18.98
CA TRP A 262 -28.32 0.62 -20.20
C TRP A 262 -29.77 0.63 -20.70
N GLN A 263 -30.75 0.46 -19.81
CA GLN A 263 -32.14 0.63 -20.21
C GLN A 263 -32.38 2.10 -20.58
N TRP A 264 -33.13 2.31 -21.66
CA TRP A 264 -33.33 3.67 -22.15
C TRP A 264 -34.08 4.53 -21.14
N ASN A 265 -35.05 3.94 -20.46
CA ASN A 265 -35.82 4.65 -19.44
C ASN A 265 -35.08 4.57 -18.12
N PRO A 266 -34.67 5.70 -17.52
CA PRO A 266 -33.97 5.65 -16.22
C PRO A 266 -34.68 4.81 -15.18
N SER A 267 -36.01 4.90 -15.09
CA SER A 267 -36.73 4.16 -14.07
C SER A 267 -36.69 2.65 -14.29
N ASP A 268 -36.34 2.19 -15.50
CA ASP A 268 -36.16 0.75 -15.74
C ASP A 268 -34.78 0.24 -15.32
N ARG A 269 -33.83 1.13 -15.04
CA ARG A 269 -32.50 0.70 -14.62
C ARG A 269 -32.54 0.26 -13.15
N PRO A 270 -31.74 -0.74 -12.79
CA PRO A 270 -31.71 -1.20 -11.39
C PRO A 270 -31.15 -0.10 -10.49
N SER A 271 -31.41 -0.25 -9.19
CA SER A 271 -30.76 0.61 -8.22
C SER A 271 -29.38 0.06 -7.88
N PHE A 272 -28.53 0.93 -7.33
CA PHE A 272 -27.21 0.44 -6.90
C PHE A 272 -27.32 -0.56 -5.75
N ALA A 273 -28.35 -0.42 -4.91
CA ALA A 273 -28.60 -1.45 -3.90
C ALA A 273 -28.81 -2.81 -4.56
N GLU A 274 -29.59 -2.86 -5.66
CA GLU A 274 -29.81 -4.13 -6.35
C GLU A 274 -28.53 -4.63 -7.02
N ILE A 275 -27.79 -3.73 -7.67
CA ILE A 275 -26.54 -4.11 -8.33
C ILE A 275 -25.58 -4.73 -7.32
N HIS A 276 -25.38 -4.07 -6.18
CA HIS A 276 -24.44 -4.59 -5.20
C HIS A 276 -24.90 -5.93 -4.63
N GLN A 277 -26.20 -6.08 -4.36
CA GLN A 277 -26.70 -7.38 -3.94
C GLN A 277 -26.37 -8.46 -4.97
N ALA A 278 -26.56 -8.16 -6.25
CA ALA A 278 -26.25 -9.15 -7.28
C ALA A 278 -24.76 -9.49 -7.29
N PHE A 279 -23.90 -8.48 -7.21
CA PHE A 279 -22.47 -8.78 -7.18
C PHE A 279 -22.09 -9.54 -5.91
N GLU A 280 -22.69 -9.18 -4.78
CA GLU A 280 -22.43 -9.90 -3.52
C GLU A 280 -22.67 -11.38 -3.69
N THR A 281 -23.86 -11.74 -4.17
CA THR A 281 -24.19 -13.14 -4.44
C THR A 281 -23.16 -13.79 -5.36
N MET A 282 -22.83 -13.13 -6.47
CA MET A 282 -21.83 -13.66 -7.41
C MET A 282 -20.50 -13.89 -6.71
N PHE A 283 -20.06 -12.94 -5.87
CA PHE A 283 -18.74 -13.04 -5.28
C PHE A 283 -18.64 -14.23 -4.34
N GLN A 284 -19.64 -14.44 -3.48
CA GLN A 284 -19.54 -15.57 -2.56
C GLN A 284 -19.72 -16.92 -3.26
N GLU A 285 -20.33 -16.95 -4.45
CA GLU A 285 -20.40 -18.19 -5.20
C GLU A 285 -19.09 -18.54 -5.91
N SER A 286 -18.17 -17.59 -6.05
CA SER A 286 -16.89 -17.85 -6.67
C SER A 286 -16.00 -18.70 -5.76
N ASP B 19 24.68 3.05 35.79
CA ASP B 19 23.45 3.83 35.60
C ASP B 19 22.22 3.00 35.87
N LYS B 20 21.06 3.55 35.47
CA LYS B 20 19.78 2.86 35.60
C LYS B 20 19.84 1.44 35.05
N TRP B 21 20.71 1.19 34.08
CA TRP B 21 20.72 -0.08 33.36
C TRP B 21 21.44 -1.18 34.14
N GLU B 22 22.30 -0.82 35.07
CA GLU B 22 23.11 -1.83 35.75
C GLU B 22 22.24 -2.59 36.75
N MET B 23 22.29 -3.91 36.68
CA MET B 23 21.67 -4.79 37.64
C MET B 23 22.68 -5.83 38.07
N GLU B 24 22.36 -6.58 39.12
CA GLU B 24 23.28 -7.59 39.62
C GLU B 24 23.09 -8.90 38.91
N ARG B 25 24.18 -9.66 38.76
CA ARG B 25 24.10 -10.94 38.07
C ARG B 25 23.17 -11.90 38.79
N THR B 26 23.03 -11.74 40.11
CA THR B 26 22.14 -12.58 40.89
C THR B 26 20.67 -12.19 40.74
N ASP B 27 20.37 -11.01 40.18
CA ASP B 27 18.99 -10.70 39.85
C ASP B 27 18.40 -11.62 38.79
N ILE B 28 19.22 -12.44 38.16
CA ILE B 28 18.84 -13.22 36.97
C ILE B 28 19.24 -14.67 37.18
N THR B 29 18.26 -15.58 37.07
CA THR B 29 18.54 -17.01 37.03
C THR B 29 18.83 -17.41 35.58
N MET B 30 20.02 -17.97 35.34
CA MET B 30 20.42 -18.35 33.99
C MET B 30 20.04 -19.80 33.72
N LYS B 31 19.20 -20.00 32.71
CA LYS B 31 18.80 -21.32 32.24
C LYS B 31 19.67 -21.73 31.03
N HIS B 32 19.19 -22.69 30.25
CA HIS B 32 19.94 -23.29 29.15
C HIS B 32 20.14 -22.35 27.97
N LYS B 33 21.12 -22.69 27.13
CA LYS B 33 21.41 -21.87 25.96
C LYS B 33 20.23 -21.86 24.99
N LEU B 34 20.11 -20.76 24.28
CA LEU B 34 18.93 -20.46 23.47
C LEU B 34 19.12 -20.90 22.03
N GLY B 35 18.08 -21.50 21.45
CA GLY B 35 18.08 -21.88 20.04
C GLY B 35 19.20 -22.81 19.62
N GLY B 36 19.50 -23.82 20.43
CA GLY B 36 20.61 -24.70 20.14
C GLY B 36 21.92 -23.99 19.93
N GLY B 37 22.16 -22.89 20.66
CA GLY B 37 23.39 -22.13 20.52
C GLY B 37 23.58 -21.45 19.20
N GLN B 38 22.62 -21.52 18.28
CA GLN B 38 22.78 -20.90 16.97
C GLN B 38 22.99 -19.40 17.07
N TYR B 39 22.62 -18.77 18.18
CA TYR B 39 22.88 -17.35 18.42
C TYR B 39 24.14 -17.11 19.23
N GLY B 40 24.89 -18.16 19.54
CA GLY B 40 26.07 -18.01 20.37
C GLY B 40 25.76 -18.05 21.84
N GLU B 41 26.52 -17.30 22.65
CA GLU B 41 26.35 -17.31 24.09
C GLU B 41 25.18 -16.39 24.48
N VAL B 42 23.99 -16.82 24.07
CA VAL B 42 22.75 -16.18 24.48
C VAL B 42 21.89 -17.26 25.12
N TYR B 43 21.44 -17.00 26.35
CA TYR B 43 20.76 -18.00 27.17
C TYR B 43 19.39 -17.50 27.59
N GLU B 44 18.44 -18.43 27.72
CA GLU B 44 17.20 -18.12 28.40
C GLU B 44 17.47 -17.88 29.88
N GLY B 45 16.83 -16.83 30.42
CA GLY B 45 17.00 -16.49 31.82
C GLY B 45 15.69 -16.04 32.43
N VAL B 46 15.71 -15.81 33.72
CA VAL B 46 14.54 -15.33 34.45
C VAL B 46 14.94 -14.12 35.27
N TRP B 47 14.28 -13.00 35.03
CA TRP B 47 14.46 -11.81 35.85
C TRP B 47 13.60 -12.01 37.09
N LYS B 48 14.26 -12.29 38.22
CA LYS B 48 13.58 -12.82 39.40
C LYS B 48 12.48 -11.87 39.91
N LYS B 49 12.81 -10.59 40.06
CA LYS B 49 11.91 -9.65 40.72
C LYS B 49 10.56 -9.57 40.01
N TYR B 50 10.52 -9.82 38.71
CA TYR B 50 9.29 -9.82 37.93
C TYR B 50 8.91 -11.20 37.44
N SER B 51 9.64 -12.24 37.85
CA SER B 51 9.37 -13.61 37.41
C SER B 51 9.19 -13.67 35.89
N LEU B 52 10.09 -12.98 35.17
CA LEU B 52 9.95 -12.75 33.74
C LEU B 52 11.04 -13.45 32.96
N THR B 53 10.65 -14.24 31.97
CA THR B 53 11.63 -14.85 31.07
C THR B 53 12.24 -13.79 30.18
N VAL B 54 13.56 -13.87 29.99
CA VAL B 54 14.35 -12.91 29.25
C VAL B 54 15.42 -13.65 28.46
N ALA B 55 16.11 -12.91 27.58
CA ALA B 55 17.27 -13.41 26.85
C ALA B 55 18.52 -12.70 27.35
N VAL B 56 19.59 -13.46 27.56
CA VAL B 56 20.80 -12.95 28.20
C VAL B 56 22.00 -13.32 27.33
N LYS B 57 22.69 -12.30 26.82
CA LYS B 57 23.95 -12.46 26.11
C LYS B 57 25.09 -12.31 27.11
N THR B 58 26.06 -13.23 27.03
CA THR B 58 27.16 -13.30 28.00
C THR B 58 28.49 -13.40 27.28
N LEU B 59 29.56 -13.21 28.04
CA LEU B 59 30.91 -13.34 27.53
C LEU B 59 31.87 -13.63 28.69
N VAL B 66 34.95 -8.29 23.70
CA VAL B 66 35.97 -7.59 24.47
C VAL B 66 35.37 -6.29 25.04
N GLU B 67 35.77 -5.15 24.48
CA GLU B 67 35.03 -3.92 24.69
C GLU B 67 34.03 -3.67 23.56
N GLU B 68 34.03 -4.51 22.52
CA GLU B 68 32.91 -4.54 21.59
C GLU B 68 31.62 -4.85 22.32
N PHE B 69 31.67 -5.81 23.26
CA PHE B 69 30.52 -6.12 24.11
C PHE B 69 29.95 -4.85 24.73
N LEU B 70 30.82 -4.05 25.36
CA LEU B 70 30.36 -2.85 26.05
C LEU B 70 29.95 -1.75 25.07
N LYS B 71 30.56 -1.72 23.89
CA LYS B 71 30.07 -0.82 22.86
C LYS B 71 28.63 -1.18 22.47
N GLU B 72 28.34 -2.48 22.34
CA GLU B 72 26.99 -2.90 22.00
C GLU B 72 26.00 -2.50 23.09
N ALA B 73 26.38 -2.71 24.35
CA ALA B 73 25.53 -2.30 25.47
C ALA B 73 25.29 -0.79 25.43
N ALA B 74 26.35 -0.01 25.20
CA ALA B 74 26.19 1.45 25.13
C ALA B 74 25.22 1.84 24.02
N VAL B 75 25.34 1.22 22.84
CA VAL B 75 24.44 1.53 21.74
C VAL B 75 22.99 1.19 22.11
N MET B 76 22.76 0.01 22.68
CA MET B 76 21.39 -0.41 22.98
C MET B 76 20.72 0.47 24.02
N LYS B 77 21.48 1.13 24.90
CA LYS B 77 20.89 2.11 25.80
C LYS B 77 20.34 3.32 25.06
N GLU B 78 20.80 3.58 23.84
CA GLU B 78 20.34 4.72 23.05
C GLU B 78 19.15 4.39 22.15
N ILE B 79 18.74 3.13 22.06
CA ILE B 79 17.75 2.66 21.08
C ILE B 79 16.46 2.32 21.81
N LYS B 80 15.34 2.91 21.38
CA LYS B 80 14.04 2.54 21.92
C LYS B 80 12.97 2.74 20.85
N HIS B 81 12.32 1.65 20.42
CA HIS B 81 11.35 1.71 19.34
C HIS B 81 10.48 0.46 19.40
N PRO B 82 9.21 0.55 19.05
CA PRO B 82 8.34 -0.64 19.07
C PRO B 82 8.90 -1.83 18.33
N ASN B 83 9.65 -1.63 17.26
CA ASN B 83 10.08 -2.74 16.40
C ASN B 83 11.58 -2.96 16.43
N LEU B 84 12.24 -2.59 17.53
CA LEU B 84 13.62 -2.93 17.81
C LEU B 84 13.66 -3.66 19.14
N VAL B 85 14.41 -4.77 19.21
CA VAL B 85 14.48 -5.57 20.42
C VAL B 85 14.86 -4.67 21.60
N GLN B 86 14.16 -4.83 22.73
CA GLN B 86 14.26 -3.88 23.82
C GLN B 86 15.28 -4.34 24.85
N LEU B 87 16.28 -3.51 25.11
CA LEU B 87 17.21 -3.78 26.18
C LEU B 87 16.50 -3.63 27.52
N LEU B 88 16.80 -4.54 28.45
CA LEU B 88 16.21 -4.52 29.79
C LEU B 88 17.22 -4.15 30.86
N GLY B 89 18.44 -4.69 30.77
CA GLY B 89 19.48 -4.35 31.71
C GLY B 89 20.81 -4.88 31.24
N VAL B 90 21.86 -4.46 31.96
CA VAL B 90 23.23 -4.86 31.66
C VAL B 90 23.95 -5.20 32.96
N CYS B 91 24.96 -6.06 32.84
CA CYS B 91 25.91 -6.34 33.93
C CYS B 91 27.30 -6.08 33.37
N THR B 92 27.87 -4.91 33.68
CA THR B 92 29.13 -4.48 33.07
C THR B 92 30.17 -4.09 34.11
N ARG B 93 30.11 -4.65 35.33
CA ARG B 93 31.12 -4.33 36.32
C ARG B 93 32.25 -5.37 36.34
N GLU B 94 31.91 -6.65 36.50
CA GLU B 94 32.91 -7.71 36.59
C GLU B 94 32.43 -8.93 35.82
N PRO B 95 33.34 -9.63 35.15
CA PRO B 95 32.93 -10.80 34.38
C PRO B 95 32.22 -11.82 35.25
N PRO B 96 31.32 -12.62 34.67
CA PRO B 96 30.88 -12.53 33.26
C PRO B 96 29.92 -11.37 33.03
N PHE B 97 29.94 -10.81 31.83
CA PHE B 97 29.12 -9.65 31.52
C PHE B 97 27.81 -10.07 30.88
N TYR B 98 26.76 -9.31 31.18
CA TYR B 98 25.41 -9.60 30.72
C TYR B 98 24.86 -8.43 29.91
N ILE B 99 24.22 -8.75 28.79
CA ILE B 99 23.28 -7.86 28.12
C ILE B 99 21.94 -8.58 28.13
N ILE B 100 20.92 -7.94 28.72
CA ILE B 100 19.62 -8.58 28.93
C ILE B 100 18.57 -7.84 28.10
N THR B 101 17.90 -8.59 27.22
CA THR B 101 16.80 -8.10 26.40
C THR B 101 15.52 -8.88 26.66
N GLU B 102 14.41 -8.33 26.20
CA GLU B 102 13.16 -9.06 26.18
C GLU B 102 13.32 -10.36 25.42
N PHE B 103 12.42 -11.31 25.71
CA PHE B 103 12.38 -12.61 25.05
C PHE B 103 11.19 -12.63 24.10
N MET B 104 11.42 -13.05 22.85
CA MET B 104 10.42 -12.98 21.79
C MET B 104 9.83 -14.37 21.54
N THR B 105 8.51 -14.48 21.72
CA THR B 105 7.86 -15.79 21.89
C THR B 105 8.10 -16.72 20.71
N TYR B 106 8.13 -16.19 19.49
CA TYR B 106 8.08 -17.05 18.30
C TYR B 106 9.41 -17.16 17.55
N GLY B 107 10.53 -16.76 18.15
CA GLY B 107 11.83 -17.01 17.54
C GLY B 107 12.15 -16.07 16.38
N ASN B 108 13.14 -16.47 15.58
CA ASN B 108 13.60 -15.58 14.53
C ASN B 108 12.70 -15.68 13.30
N LEU B 109 12.71 -14.60 12.51
CA LEU B 109 11.75 -14.44 11.42
C LEU B 109 11.98 -15.44 10.30
N LEU B 110 13.23 -15.80 10.01
CA LEU B 110 13.48 -16.66 8.86
C LEU B 110 12.88 -18.05 9.09
N ASP B 111 13.12 -18.64 10.27
CA ASP B 111 12.50 -19.92 10.61
C ASP B 111 10.98 -19.79 10.65
N TYR B 112 10.47 -18.66 11.13
CA TYR B 112 9.03 -18.46 11.21
C TYR B 112 8.39 -18.48 9.84
N LEU B 113 8.97 -17.75 8.88
CA LEU B 113 8.48 -17.80 7.50
C LEU B 113 8.49 -19.21 6.96
N ARG B 114 9.58 -19.96 7.19
CA ARG B 114 9.76 -21.27 6.57
C ARG B 114 8.82 -22.32 7.16
N GLU B 115 8.39 -22.14 8.41
CA GLU B 115 7.59 -23.14 9.10
C GLU B 115 6.13 -22.73 9.26
N CYS B 116 5.75 -21.52 8.86
CA CYS B 116 4.42 -21.02 9.18
C CYS B 116 3.35 -21.62 8.30
N ASN B 117 2.11 -21.48 8.74
CA ASN B 117 0.91 -21.79 7.95
C ASN B 117 0.62 -20.60 7.05
N ARG B 118 0.71 -20.80 5.73
CA ARG B 118 0.64 -19.68 4.81
C ARG B 118 -0.78 -19.15 4.64
N GLN B 119 -1.78 -19.91 5.05
CA GLN B 119 -3.14 -19.39 5.03
C GLN B 119 -3.36 -18.42 6.17
N GLU B 120 -2.69 -18.63 7.29
CA GLU B 120 -2.71 -17.66 8.38
C GLU B 120 -1.74 -16.52 8.11
N VAL B 121 -0.51 -16.85 7.71
CA VAL B 121 0.49 -15.80 7.36
C VAL B 121 0.35 -15.56 5.87
N ASN B 122 -0.63 -14.74 5.51
CA ASN B 122 -1.00 -14.47 4.13
C ASN B 122 -0.45 -13.11 3.72
N ALA B 123 -0.89 -12.59 2.58
CA ALA B 123 -0.30 -11.38 2.02
C ALA B 123 -0.51 -10.17 2.92
N VAL B 124 -1.58 -10.15 3.71
CA VAL B 124 -1.78 -9.03 4.60
C VAL B 124 -0.76 -9.08 5.75
N VAL B 125 -0.45 -10.28 6.25
CA VAL B 125 0.51 -10.41 7.33
C VAL B 125 1.93 -10.13 6.84
N LEU B 126 2.30 -10.67 5.68
CA LEU B 126 3.61 -10.40 5.11
C LEU B 126 3.83 -8.90 4.94
N LEU B 127 2.79 -8.19 4.49
CA LEU B 127 2.87 -6.73 4.36
C LEU B 127 3.05 -6.07 5.73
N TYR B 128 2.30 -6.55 6.73
CA TYR B 128 2.45 -6.01 8.09
C TYR B 128 3.88 -6.19 8.60
N MET B 129 4.48 -7.35 8.31
CA MET B 129 5.85 -7.59 8.77
C MET B 129 6.85 -6.67 8.09
N ALA B 130 6.71 -6.45 6.78
CA ALA B 130 7.61 -5.54 6.07
C ALA B 130 7.45 -4.12 6.59
N THR B 131 6.21 -3.71 6.88
CA THR B 131 5.97 -2.37 7.38
C THR B 131 6.64 -2.15 8.73
N GLN B 132 6.56 -3.13 9.62
CA GLN B 132 7.19 -2.99 10.93
C GLN B 132 8.70 -2.86 10.81
N ILE B 133 9.32 -3.65 9.90
CA ILE B 133 10.77 -3.58 9.76
C ILE B 133 11.20 -2.23 9.21
N SER B 134 10.46 -1.71 8.21
CA SER B 134 10.80 -0.41 7.65
C SER B 134 10.67 0.70 8.69
N SER B 135 9.73 0.56 9.62
CA SER B 135 9.60 1.55 10.68
C SER B 135 10.81 1.52 11.62
N ALA B 136 11.29 0.33 11.98
CA ALA B 136 12.51 0.24 12.79
C ALA B 136 13.70 0.85 12.06
N MET B 137 13.79 0.61 10.75
CA MET B 137 14.90 1.13 9.97
C MET B 137 14.81 2.64 9.77
N GLU B 138 13.60 3.18 9.60
CA GLU B 138 13.47 4.64 9.59
C GLU B 138 13.96 5.25 10.90
N TYR B 139 13.70 4.57 12.02
CA TYR B 139 14.14 5.09 13.30
C TYR B 139 15.66 5.08 13.40
N LEU B 140 16.30 3.98 13.00
CA LEU B 140 17.77 3.95 13.01
C LEU B 140 18.35 5.01 12.07
N GLU B 141 17.73 5.18 10.90
CA GLU B 141 18.14 6.22 9.96
C GLU B 141 18.07 7.61 10.59
N LYS B 142 16.99 7.88 11.32
CA LYS B 142 16.83 9.18 11.98
C LYS B 142 17.86 9.38 13.10
N LYS B 143 18.29 8.31 13.77
CA LYS B 143 19.28 8.40 14.83
C LYS B 143 20.72 8.31 14.32
N ASN B 144 20.93 8.23 13.01
CA ASN B 144 22.24 8.09 12.39
C ASN B 144 22.95 6.81 12.80
N PHE B 145 22.20 5.74 13.02
CA PHE B 145 22.79 4.42 13.19
C PHE B 145 22.78 3.69 11.86
N ILE B 146 23.73 2.78 11.69
CA ILE B 146 23.78 1.86 10.57
C ILE B 146 23.68 0.45 11.13
N HIS B 147 22.86 -0.39 10.48
CA HIS B 147 22.70 -1.74 11.01
C HIS B 147 23.86 -2.64 10.59
N ARG B 148 24.11 -2.73 9.28
CA ARG B 148 25.18 -3.46 8.57
C ARG B 148 24.91 -4.96 8.41
N ASP B 149 23.87 -5.54 9.00
CA ASP B 149 23.58 -6.95 8.75
C ASP B 149 22.07 -7.20 8.72
N LEU B 150 21.31 -6.34 8.03
CA LEU B 150 19.87 -6.56 7.95
C LEU B 150 19.56 -7.80 7.10
N ALA B 151 18.75 -8.70 7.66
CA ALA B 151 18.31 -9.95 7.03
C ALA B 151 17.23 -10.55 7.90
N ALA B 152 16.42 -11.45 7.30
CA ALA B 152 15.33 -12.08 8.06
C ALA B 152 15.86 -12.86 9.26
N ARG B 153 17.06 -13.43 9.17
CA ARG B 153 17.60 -14.20 10.28
C ARG B 153 17.88 -13.33 11.50
N ASN B 154 17.94 -12.01 11.32
CA ASN B 154 18.23 -11.06 12.40
C ASN B 154 16.98 -10.36 12.93
N CYS B 155 15.80 -10.83 12.56
CA CYS B 155 14.54 -10.30 13.06
C CYS B 155 13.88 -11.34 13.97
N LEU B 156 13.06 -10.85 14.90
CA LEU B 156 12.34 -11.70 15.84
C LEU B 156 10.83 -11.47 15.74
N VAL B 157 10.07 -12.50 16.14
CA VAL B 157 8.61 -12.53 16.02
C VAL B 157 8.00 -12.73 17.41
N GLY B 158 7.02 -11.90 17.75
CA GLY B 158 6.25 -12.06 18.98
C GLY B 158 4.78 -12.35 18.72
N GLU B 159 3.91 -12.06 19.67
CA GLU B 159 2.48 -12.31 19.48
C GLU B 159 1.90 -11.41 18.40
N ASN B 160 0.80 -11.85 17.80
CA ASN B 160 0.06 -11.06 16.81
C ASN B 160 0.97 -10.58 15.68
N HIS B 161 1.90 -11.43 15.24
CA HIS B 161 2.82 -11.15 14.13
C HIS B 161 3.65 -9.88 14.36
N LEU B 162 3.91 -9.58 15.63
CA LEU B 162 4.87 -8.54 15.97
C LEU B 162 6.25 -8.93 15.47
N VAL B 163 6.95 -7.98 14.85
CA VAL B 163 8.31 -8.22 14.36
C VAL B 163 9.24 -7.14 14.91
N LYS B 164 10.39 -7.55 15.43
CA LYS B 164 11.40 -6.60 15.89
C LYS B 164 12.72 -6.92 15.19
N VAL B 165 13.42 -5.87 14.78
CA VAL B 165 14.75 -6.02 14.22
C VAL B 165 15.74 -6.20 15.36
N ALA B 166 16.68 -7.14 15.19
CA ALA B 166 17.76 -7.32 16.15
C ALA B 166 19.09 -7.36 15.41
N ASP B 167 20.16 -7.73 16.11
CA ASP B 167 21.48 -7.91 15.47
C ASP B 167 22.22 -8.94 16.31
N PHE B 168 22.34 -10.17 15.79
CA PHE B 168 22.88 -11.27 16.57
C PHE B 168 24.39 -11.46 16.38
N GLY B 169 24.92 -11.08 15.23
CA GLY B 169 26.36 -11.22 15.00
C GLY B 169 26.76 -12.62 14.57
N PHE B 187 31.29 -11.70 4.75
CA PHE B 187 30.04 -11.03 4.42
C PHE B 187 28.93 -12.01 4.01
N PRO B 188 27.68 -11.69 4.36
CA PRO B 188 26.54 -12.30 3.65
C PRO B 188 26.41 -11.66 2.27
N ILE B 189 27.15 -12.20 1.30
CA ILE B 189 27.28 -11.59 -0.03
C ILE B 189 25.92 -11.27 -0.62
N LYS B 190 24.94 -12.15 -0.40
CA LYS B 190 23.64 -12.01 -1.08
C LYS B 190 22.84 -10.83 -0.57
N TRP B 191 23.17 -10.31 0.61
CA TRP B 191 22.51 -9.14 1.19
C TRP B 191 23.35 -7.87 1.08
N THR B 192 24.53 -7.94 0.46
CA THR B 192 25.54 -6.88 0.59
C THR B 192 25.52 -5.96 -0.62
N ALA B 193 25.43 -4.66 -0.37
CA ALA B 193 25.32 -3.67 -1.45
C ALA B 193 26.60 -3.64 -2.27
N PRO B 194 26.51 -3.28 -3.56
CA PRO B 194 27.71 -3.23 -4.41
C PRO B 194 28.87 -2.42 -3.85
N GLU B 195 28.60 -1.21 -3.36
CA GLU B 195 29.68 -0.38 -2.83
C GLU B 195 30.26 -0.94 -1.54
N SER B 196 29.49 -1.76 -0.82
CA SER B 196 30.06 -2.43 0.35
C SER B 196 30.99 -3.56 -0.09
N LEU B 197 30.60 -4.30 -1.13
CA LEU B 197 31.41 -5.40 -1.65
C LEU B 197 32.73 -4.91 -2.21
N ALA B 198 32.70 -3.86 -3.05
CA ALA B 198 33.89 -3.42 -3.75
C ALA B 198 34.77 -2.48 -2.94
N TYR B 199 34.18 -1.65 -2.07
CA TYR B 199 34.89 -0.56 -1.41
C TYR B 199 34.80 -0.59 0.11
N ASN B 200 34.13 -1.60 0.68
CA ASN B 200 33.96 -1.69 2.13
C ASN B 200 33.25 -0.47 2.72
N LYS B 201 32.41 0.19 1.92
CA LYS B 201 31.63 1.33 2.39
C LYS B 201 30.25 0.85 2.82
N PHE B 202 29.90 1.12 4.07
CA PHE B 202 28.60 0.78 4.62
C PHE B 202 27.93 2.07 5.08
N SER B 203 26.62 2.15 4.89
CA SER B 203 25.88 3.36 5.20
C SER B 203 24.42 2.95 5.39
N ILE B 204 23.58 3.93 5.72
CA ILE B 204 22.16 3.64 5.78
C ILE B 204 21.65 3.18 4.41
N LYS B 205 22.28 3.66 3.32
CA LYS B 205 21.85 3.23 1.99
C LYS B 205 22.27 1.79 1.69
N SER B 206 23.35 1.30 2.29
CA SER B 206 23.62 -0.13 2.12
C SER B 206 22.66 -0.97 2.96
N ASP B 207 22.15 -0.40 4.07
CA ASP B 207 21.06 -1.07 4.78
C ASP B 207 19.79 -1.13 3.92
N VAL B 208 19.54 -0.06 3.14
CA VAL B 208 18.36 -0.05 2.26
C VAL B 208 18.46 -1.17 1.23
N TRP B 209 19.65 -1.39 0.67
CA TRP B 209 19.86 -2.51 -0.24
C TRP B 209 19.51 -3.83 0.43
N ALA B 210 20.07 -4.06 1.61
CA ALA B 210 19.79 -5.29 2.35
C ALA B 210 18.30 -5.44 2.64
N PHE B 211 17.62 -4.32 2.95
CA PHE B 211 16.17 -4.36 3.17
C PHE B 211 15.44 -4.86 1.92
N GLY B 212 15.88 -4.45 0.72
CA GLY B 212 15.28 -5.00 -0.49
C GLY B 212 15.42 -6.52 -0.57
N VAL B 213 16.57 -7.04 -0.15
CA VAL B 213 16.75 -8.50 -0.15
C VAL B 213 15.86 -9.13 0.92
N LEU B 214 15.71 -8.46 2.06
CA LEU B 214 14.82 -8.95 3.10
C LEU B 214 13.37 -9.04 2.62
N LEU B 215 12.91 -8.03 1.86
CA LEU B 215 11.58 -8.12 1.25
C LEU B 215 11.43 -9.40 0.42
N TRP B 216 12.47 -9.76 -0.32
CA TRP B 216 12.41 -10.94 -1.18
C TRP B 216 12.35 -12.21 -0.35
N GLU B 217 13.07 -12.24 0.78
CA GLU B 217 12.93 -13.33 1.75
C GLU B 217 11.50 -13.45 2.26
N ILE B 218 10.90 -12.31 2.64
CA ILE B 218 9.51 -12.33 3.09
C ILE B 218 8.60 -12.85 1.99
N ALA B 219 8.76 -12.33 0.76
CA ALA B 219 7.85 -12.65 -0.33
C ALA B 219 7.92 -14.12 -0.76
N THR B 220 9.03 -14.80 -0.47
CA THR B 220 9.22 -16.19 -0.83
C THR B 220 9.07 -17.13 0.37
N TYR B 221 8.63 -16.62 1.52
CA TYR B 221 8.56 -17.38 2.77
C TYR B 221 9.92 -17.99 3.13
N GLY B 222 10.97 -17.19 2.94
CA GLY B 222 12.26 -17.56 3.48
C GLY B 222 13.13 -18.38 2.56
N MET B 223 12.94 -18.31 1.25
CA MET B 223 13.90 -18.88 0.32
C MET B 223 15.23 -18.13 0.41
N SER B 224 16.33 -18.82 -0.01
CA SER B 224 17.65 -18.18 -0.10
C SER B 224 17.73 -17.37 -1.39
N PRO B 225 18.30 -16.16 -1.34
CA PRO B 225 18.28 -15.29 -2.53
C PRO B 225 19.22 -15.75 -3.64
N TYR B 226 19.00 -15.19 -4.83
CA TYR B 226 19.72 -15.56 -6.04
C TYR B 226 19.78 -17.08 -6.18
N PRO B 227 18.64 -17.75 -6.35
CA PRO B 227 18.62 -19.22 -6.40
C PRO B 227 19.59 -19.77 -7.43
N GLY B 228 20.49 -20.64 -6.99
CA GLY B 228 21.42 -21.32 -7.86
C GLY B 228 22.58 -20.50 -8.39
N ILE B 229 22.65 -19.20 -8.10
CA ILE B 229 23.66 -18.35 -8.71
C ILE B 229 24.93 -18.40 -7.85
N ASP B 230 26.06 -18.62 -8.52
CA ASP B 230 27.38 -18.66 -7.91
C ASP B 230 27.66 -17.32 -7.23
N LEU B 231 27.79 -17.34 -5.89
CA LEU B 231 28.01 -16.09 -5.14
C LEU B 231 29.20 -15.31 -5.64
N SER B 232 30.19 -15.97 -6.25
CA SER B 232 31.41 -15.29 -6.69
C SER B 232 31.20 -14.45 -7.94
N GLN B 233 30.03 -14.56 -8.57
CA GLN B 233 29.72 -13.78 -9.75
C GLN B 233 28.64 -12.75 -9.51
N VAL B 234 28.15 -12.62 -8.27
CA VAL B 234 27.06 -11.70 -7.98
C VAL B 234 27.48 -10.25 -8.24
N TYR B 235 28.66 -9.84 -7.76
CA TYR B 235 29.06 -8.44 -7.95
C TYR B 235 29.01 -8.02 -9.41
N GLU B 236 29.65 -8.80 -10.29
CA GLU B 236 29.66 -8.44 -11.71
C GLU B 236 28.26 -8.51 -12.31
N LEU B 237 27.45 -9.48 -11.90
CA LEU B 237 26.07 -9.52 -12.36
C LEU B 237 25.35 -8.22 -12.01
N LEU B 238 25.43 -7.81 -10.75
CA LEU B 238 24.78 -6.55 -10.32
C LEU B 238 25.30 -5.35 -11.12
N GLU B 239 26.61 -5.30 -11.36
CA GLU B 239 27.18 -4.21 -12.16
C GLU B 239 26.59 -4.14 -13.56
N LYS B 240 26.27 -5.30 -14.15
CA LYS B 240 25.67 -5.32 -15.48
C LYS B 240 24.15 -5.34 -15.44
N ASP B 241 23.57 -4.94 -14.31
CA ASP B 241 22.14 -4.66 -14.13
C ASP B 241 21.27 -5.91 -14.09
N TYR B 242 21.82 -7.02 -13.61
CA TYR B 242 21.01 -8.17 -13.25
C TYR B 242 20.41 -7.98 -11.86
N ARG B 243 19.10 -8.20 -11.72
CA ARG B 243 18.45 -8.25 -10.41
C ARG B 243 17.52 -9.46 -10.35
N MET B 244 17.23 -9.93 -9.13
CA MET B 244 16.27 -11.01 -8.97
C MET B 244 14.93 -10.64 -9.58
N GLU B 245 14.27 -11.62 -10.20
CA GLU B 245 12.95 -11.39 -10.77
C GLU B 245 11.90 -11.29 -9.67
N ARG B 246 10.75 -10.72 -10.02
CA ARG B 246 9.65 -10.63 -9.07
C ARG B 246 9.20 -12.02 -8.64
N PRO B 247 9.12 -12.31 -7.34
CA PRO B 247 8.65 -13.62 -6.91
C PRO B 247 7.15 -13.79 -7.15
N GLU B 248 6.75 -15.04 -7.39
CA GLU B 248 5.35 -15.37 -7.61
C GLU B 248 4.45 -14.84 -6.50
N GLY B 249 3.38 -14.15 -6.89
CA GLY B 249 2.46 -13.58 -5.93
C GLY B 249 2.89 -12.27 -5.28
N CYS B 250 4.10 -11.77 -5.58
CA CYS B 250 4.55 -10.54 -4.92
C CYS B 250 3.83 -9.34 -5.55
N PRO B 251 3.21 -8.46 -4.75
CA PRO B 251 2.55 -7.30 -5.34
C PRO B 251 3.53 -6.44 -6.14
N GLU B 252 3.00 -5.78 -7.19
CA GLU B 252 3.88 -5.01 -8.09
C GLU B 252 4.52 -3.82 -7.40
N LYS B 253 3.81 -3.12 -6.51
CA LYS B 253 4.47 -1.99 -5.84
C LYS B 253 5.53 -2.47 -4.86
N VAL B 254 5.34 -3.63 -4.24
CA VAL B 254 6.39 -4.18 -3.38
C VAL B 254 7.64 -4.49 -4.20
N TYR B 255 7.47 -5.06 -5.40
CA TYR B 255 8.63 -5.36 -6.24
C TYR B 255 9.28 -4.07 -6.77
N GLU B 256 8.47 -3.07 -7.10
CA GLU B 256 9.05 -1.79 -7.49
C GLU B 256 9.92 -1.22 -6.37
N LEU B 257 9.49 -1.39 -5.12
CA LEU B 257 10.27 -0.91 -3.99
C LEU B 257 11.56 -1.73 -3.81
N MET B 258 11.46 -3.06 -3.98
CA MET B 258 12.64 -3.90 -4.04
C MET B 258 13.66 -3.38 -5.04
N ARG B 259 13.19 -3.10 -6.26
CA ARG B 259 14.12 -2.68 -7.30
C ARG B 259 14.65 -1.27 -7.03
N ALA B 260 13.87 -0.43 -6.36
CA ALA B 260 14.41 0.87 -5.97
C ALA B 260 15.50 0.70 -4.91
N CYS B 261 15.29 -0.22 -3.95
CA CYS B 261 16.32 -0.50 -2.95
C CYS B 261 17.60 -1.02 -3.60
N TRP B 262 17.48 -1.67 -4.76
CA TRP B 262 18.63 -2.26 -5.45
C TRP B 262 19.15 -1.37 -6.57
N GLN B 263 18.92 -0.06 -6.49
CA GLN B 263 19.60 0.84 -7.41
C GLN B 263 21.11 0.77 -7.17
N TRP B 264 21.87 0.78 -8.28
CA TRP B 264 23.32 0.67 -8.20
C TRP B 264 23.92 1.82 -7.39
N ASN B 265 23.51 3.04 -7.69
N ASN B 265 23.51 3.04 -7.69
CA ASN B 265 24.00 4.20 -6.98
CA ASN B 265 24.01 4.21 -6.97
C ASN B 265 23.30 4.34 -5.64
C ASN B 265 23.29 4.33 -5.64
N PRO B 266 24.03 4.40 -4.52
CA PRO B 266 23.35 4.57 -3.21
C PRO B 266 22.47 5.80 -3.14
N SER B 267 22.88 6.90 -3.77
CA SER B 267 22.04 8.09 -3.71
C SER B 267 20.72 7.94 -4.49
N ASP B 268 20.59 6.93 -5.36
CA ASP B 268 19.33 6.69 -6.07
C ASP B 268 18.33 5.82 -5.30
N ARG B 269 18.76 5.21 -4.20
CA ARG B 269 17.89 4.39 -3.38
C ARG B 269 17.03 5.29 -2.49
N PRO B 270 15.80 4.88 -2.20
CA PRO B 270 14.95 5.67 -1.30
C PRO B 270 15.50 5.68 0.11
N SER B 271 15.05 6.66 0.89
CA SER B 271 15.32 6.64 2.32
C SER B 271 14.37 5.65 2.99
N PHE B 272 14.72 5.25 4.21
CA PHE B 272 13.77 4.43 4.97
C PHE B 272 12.52 5.20 5.33
N ALA B 273 12.61 6.52 5.49
CA ALA B 273 11.40 7.31 5.69
C ALA B 273 10.45 7.15 4.51
N GLU B 274 10.99 7.22 3.29
CA GLU B 274 10.17 7.01 2.09
C GLU B 274 9.63 5.57 2.04
N ILE B 275 10.48 4.60 2.35
CA ILE B 275 10.04 3.19 2.29
C ILE B 275 8.95 2.96 3.33
N HIS B 276 9.19 3.40 4.57
CA HIS B 276 8.18 3.23 5.62
C HIS B 276 6.87 3.91 5.23
N GLN B 277 6.92 5.13 4.68
CA GLN B 277 5.71 5.80 4.21
C GLN B 277 4.98 4.98 3.12
N ALA B 278 5.71 4.45 2.15
CA ALA B 278 5.04 3.62 1.13
C ALA B 278 4.37 2.39 1.75
N PHE B 279 5.03 1.76 2.73
CA PHE B 279 4.44 0.57 3.34
C PHE B 279 3.27 0.88 4.25
N GLU B 280 3.32 1.96 5.05
CA GLU B 280 2.14 2.29 5.86
C GLU B 280 0.96 2.59 4.97
N THR B 281 1.21 3.26 3.84
CA THR B 281 0.15 3.59 2.90
C THR B 281 -0.45 2.33 2.29
N MET B 282 0.40 1.41 1.80
CA MET B 282 -0.10 0.13 1.30
C MET B 282 -0.84 -0.66 2.38
N PHE B 283 -0.30 -0.66 3.60
CA PHE B 283 -0.87 -1.47 4.68
C PHE B 283 -2.26 -1.00 5.05
N GLN B 284 -2.49 0.31 5.09
CA GLN B 284 -3.83 0.82 5.35
C GLN B 284 -4.81 0.38 4.25
N GLU B 285 -4.39 0.48 2.98
CA GLU B 285 -5.21 0.00 1.86
C GLU B 285 -5.55 -1.49 2.02
N SER B 286 -4.54 -2.29 2.30
CA SER B 286 -4.73 -3.73 2.41
C SER B 286 -5.63 -4.09 3.58
N SER B 287 -5.54 -3.35 4.68
CA SER B 287 -6.41 -3.59 5.83
C SER B 287 -7.87 -3.27 5.50
N ILE B 288 -8.10 -2.13 4.83
CA ILE B 288 -9.46 -1.77 4.43
C ILE B 288 -10.03 -2.84 3.50
N SER B 289 -9.26 -3.26 2.50
CA SER B 289 -9.70 -4.30 1.57
C SER B 289 -9.99 -5.60 2.28
N ASP B 290 -9.13 -5.99 3.22
CA ASP B 290 -9.34 -7.21 3.96
C ASP B 290 -10.68 -7.19 4.68
N GLU B 291 -11.05 -6.04 5.25
CA GLU B 291 -12.35 -5.90 5.92
C GLU B 291 -13.51 -5.92 4.93
N VAL B 292 -13.35 -5.24 3.79
CA VAL B 292 -14.38 -5.28 2.75
C VAL B 292 -14.65 -6.71 2.33
N GLU B 293 -13.59 -7.49 2.13
CA GLU B 293 -13.72 -8.86 1.69
C GLU B 293 -14.38 -9.74 2.74
N LYS B 294 -14.03 -9.54 4.02
CA LYS B 294 -14.72 -10.29 5.07
C LYS B 294 -16.19 -9.93 5.13
N GLU B 295 -16.50 -8.64 5.00
CA GLU B 295 -17.90 -8.22 5.02
C GLU B 295 -18.72 -8.87 3.91
N LEU B 296 -18.10 -9.20 2.77
CA LEU B 296 -18.84 -9.82 1.67
C LEU B 296 -19.29 -11.23 2.02
N GLY B 297 -18.53 -11.94 2.86
CA GLY B 297 -18.91 -13.27 3.29
C GLY B 297 -19.89 -13.24 4.44
S SO4 C . -16.20 -15.70 -25.14
O1 SO4 C . -17.37 -16.46 -25.55
O2 SO4 C . -15.59 -15.08 -26.32
O3 SO4 C . -16.62 -14.68 -24.20
O4 SO4 C . -15.25 -16.58 -24.48
S SO4 D . -32.64 -5.23 -23.39
O1 SO4 D . -31.91 -6.21 -22.58
O2 SO4 D . -33.14 -5.88 -24.60
O3 SO4 D . -31.76 -4.11 -23.72
O4 SO4 D . -33.79 -4.72 -22.63
C1 STI E . -3.07 9.06 -7.45
C6 STI E . -3.86 10.18 -7.47
C5 STI E . -4.57 10.56 -6.35
C4 STI E . -4.44 9.75 -5.24
N3 STI E . -3.69 8.65 -5.18
C2 STI E . -3.01 8.33 -6.28
C7 STI E . -5.41 11.74 -6.35
C12 STI E . -5.46 12.58 -7.44
C11 STI E . -6.32 13.65 -7.34
N10 STI E . -7.10 13.87 -6.28
C9 STI E . -6.97 13.01 -5.26
N8 STI E . -6.15 11.95 -5.25
N13 STI E . -7.74 13.18 -4.10
C14 STI E . -8.69 14.20 -3.91
C19 STI E . -8.26 15.41 -3.38
C18 STI E . -9.15 16.43 -3.16
C17 STI E . -10.49 16.24 -3.48
C16 STI E . -10.94 15.04 -4.00
C15 STI E . -10.03 14.02 -4.21
N21 STI E . -12.32 14.95 -4.27
C22 STI E . -12.94 13.77 -4.65
C23 STI E . -14.42 13.76 -4.56
C25 STI E . -15.06 12.54 -4.59
C26 STI E . -16.43 12.48 -4.51
C27 STI E . -17.16 13.64 -4.40
C28 STI E . -16.51 14.87 -4.37
C29 STI E . -15.13 14.94 -4.45
C46 STI E . -18.65 13.56 -4.31
N48 STI E . -19.32 14.47 -5.30
C53 STI E . -19.07 14.12 -6.72
C52 STI E . -19.53 15.25 -7.60
N51 STI E . -20.92 15.65 -7.22
C54 STI E . -21.81 15.98 -8.35
C50 STI E . -21.58 14.81 -6.20
C49 STI E . -20.72 14.78 -4.95
O29 STI E . -12.38 12.77 -5.07
C20 STI E . -6.80 15.61 -3.03
C10 KWD F . -13.87 -12.11 -16.51
C12 KWD F . -13.10 -10.69 -18.50
C14 KWD F . -11.49 -10.93 -20.30
C16 KWD F . -10.94 -10.11 -21.43
C17 KWD F . -9.49 -10.30 -21.47
C2 KWD F . -16.76 -8.70 -13.91
C3 KWD F . -16.41 -10.01 -13.65
C4 KWD F . -15.58 -10.68 -14.52
C5 KWD F . -15.13 -10.01 -15.64
C6 KWD F . -15.49 -8.69 -15.88
C7 KWD F . -16.32 -8.03 -15.02
C9 KWD F . -14.24 -10.64 -16.61
N13 KWD F . -12.56 -10.31 -19.71
N18 KWD F . -8.33 -10.46 -21.49
N19 KWD F . -13.90 -9.93 -17.84
O15 KWD F . -11.04 -12.01 -19.95
S11 KWD F . -12.67 -12.26 -17.84
CL1 KWD F . -17.80 -7.88 -12.81
CL8 KWD F . -16.76 -6.37 -15.33
S SO4 G . 13.55 7.61 28.62
O1 SO4 G . 12.42 6.78 29.06
O2 SO4 G . 13.61 7.63 27.15
O3 SO4 G . 14.80 7.05 29.15
O4 SO4 G . 13.37 8.97 29.12
S SO4 H . 17.21 -1.70 -11.02
O1 SO4 H . 16.17 -0.69 -11.30
O2 SO4 H . 17.21 -2.68 -12.11
O3 SO4 H . 17.05 -2.33 -9.68
O4 SO4 H . 18.51 -1.07 -11.07
C1 STI I . 14.91 -16.15 20.47
C6 STI I . 16.12 -15.50 20.37
C5 STI I . 16.29 -14.33 21.07
C4 STI I . 15.24 -13.87 21.82
N3 STI I . 14.05 -14.46 21.94
C2 STI I . 13.93 -15.59 21.25
C7 STI I . 17.54 -13.63 21.01
C12 STI I . 18.65 -14.19 20.45
C11 STI I . 19.78 -13.41 20.47
N10 STI I . 19.81 -12.19 20.99
C9 STI I . 18.67 -11.72 21.50
N8 STI I . 17.52 -12.41 21.55
N13 STI I . 18.65 -10.44 22.06
C14 STI I . 19.81 -9.65 22.18
C19 STI I . 20.65 -9.83 23.26
C18 STI I . 21.78 -9.07 23.41
C17 STI I . 22.09 -8.11 22.47
C16 STI I . 21.25 -7.92 21.40
C15 STI I . 20.12 -8.69 21.25
N21 STI I . 21.59 -6.93 20.46
C22 STI I . 20.77 -6.57 19.42
C23 STI I . 21.17 -5.30 18.82
C25 STI I . 20.30 -4.71 17.94
C26 STI I . 20.65 -3.51 17.35
C27 STI I . 21.86 -2.91 17.64
C28 STI I . 22.71 -3.52 18.54
C29 STI I . 22.38 -4.72 19.13
C46 STI I . 22.17 -1.62 16.97
N48 STI I . 23.43 -1.65 16.17
C53 STI I . 23.49 -2.72 15.14
C52 STI I . 24.94 -2.81 14.72
N51 STI I . 25.31 -1.48 14.16
C54 STI I . 26.63 -1.49 13.47
C50 STI I . 25.23 -0.37 15.14
C49 STI I . 23.80 -0.31 15.65
O29 STI I . 19.84 -7.21 18.94
C20 STI I . 20.32 -10.88 24.27
C10 KWD J . 1.89 -11.64 -1.15
C12 KWD J . 3.65 -13.46 -1.63
C14 KWD J . 3.42 -15.77 -2.20
C16 KWD J . 4.25 -17.01 -2.16
C17 KWD J . 3.72 -17.89 -3.19
C2 KWD J . 4.88 -8.02 1.00
C3 KWD J . 3.51 -8.11 0.85
C4 KWD J . 2.97 -9.20 0.19
C5 KWD J . 3.82 -10.16 -0.29
C6 KWD J . 5.18 -10.06 -0.13
C7 KWD J . 5.72 -8.99 0.52
C9 KWD J . 3.37 -11.35 -1.01
N13 KWD J . 4.19 -14.67 -1.95
N18 KWD J . 3.28 -18.57 -4.02
N19 KWD J . 4.32 -12.43 -1.24
O15 KWD J . 2.22 -15.79 -2.44
S11 KWD J . 1.92 -13.35 -1.77
CL1 KWD J . 5.59 -6.68 1.82
CL8 KWD J . 7.44 -8.85 0.73
O1 2PE K . 29.14 6.69 -2.13
C2 2PE K . 29.38 5.52 -2.86
C3 2PE K . 30.55 5.78 -3.83
O4 2PE K . 31.52 4.78 -3.70
C5 2PE K . 32.74 4.90 -4.40
C6 2PE K . 33.84 5.51 -3.52
O7 2PE K . 34.84 4.55 -3.29
C8 2PE K . 35.82 4.72 -2.30
C9 2PE K . 35.74 6.10 -1.65
O10 2PE K . 34.94 5.97 -0.50
C11 2PE K . 35.43 6.36 0.75
C12 2PE K . 35.56 7.88 0.79
O13 2PE K . 34.45 8.44 1.46
C14 2PE K . 33.16 8.23 0.97
C15 2PE K . 32.13 8.71 2.00
O16 2PE K . 30.84 8.16 1.80
C17 2PE K . 30.25 7.90 0.55
C18 2PE K . 29.76 9.16 -0.20
O19 2PE K . 30.80 10.10 -0.38
C20 2PE K . 31.55 10.20 -1.58
C21 2PE K . 31.26 9.06 -2.56
O22 2PE K . 32.45 8.69 -3.22
C23 2PE K . 33.35 9.69 -3.62
C24 2PE K . 34.75 9.21 -3.27
O25 2PE K . 35.59 10.33 -3.20
C26 2PE K . 36.76 10.22 -2.45
C27 2PE K . 36.54 10.74 -1.02
O28 2PE K . 35.95 12.01 -1.04
#